data_1CKO
#
_entry.id   1CKO
#
_cell.length_a   78.476
_cell.length_b   164.013
_cell.length_c   103.502
_cell.angle_alpha   90.00
_cell.angle_beta   90.00
_cell.angle_gamma   90.00
#
_symmetry.space_group_name_H-M   'C 2 2 21'
#
loop_
_entity.id
_entity.type
_entity.pdbx_description
1 polymer 'MRNA CAPPING ENZYME'
2 non-polymer 'ZINC ION'
3 non-polymer "DIGUANOSINE-5'-TRIPHOSPHATE"
#
_entity_poly.entity_id   1
_entity_poly.type   'polypeptide(L)'
_entity_poly.pdbx_seq_one_letter_code
;MVPPTINTGKNITTERAVLTLNGLQIKLHKVVGESRDDIVAKMKDLAMDDHKFPRLPGPNPVSIERKDFEKLKQNKYVVS
EKTDGIRFMMFFTRVFGFKVCTIIDRAMTVYLLPFKNIPRVLFQGSIFDGELCVDIVEKKFAFVLFDAVVVSGVTVSQMD
LASRFFAMKRSLKEFKNVPEDPAILRYKEWIPLEHPTIIKDHLKKANAIYHTDGLIIMSVDEPVIYGRNFNLFKLKPGTH
HTIDFIIMSEDGTIGIFDPNLRKNVPVGKLDGYYNKGSIVECGFADGTWKYIQGRSDKNQANDRLTYEKTLLNIEENITI
DELLDLFKWE
;
_entity_poly.pdbx_strand_id   A
#
# COMPACT_ATOMS: atom_id res chain seq x y z
N ASN A 11 23.28 8.42 -16.94
CA ASN A 11 24.12 8.24 -15.76
C ASN A 11 23.09 8.17 -14.63
N ILE A 12 23.28 7.57 -13.46
CA ILE A 12 22.25 7.58 -12.42
C ILE A 12 22.35 8.93 -11.71
N THR A 13 21.29 9.70 -11.92
CA THR A 13 21.13 11.06 -11.44
C THR A 13 20.20 11.19 -10.25
N THR A 14 20.81 11.41 -9.09
CA THR A 14 20.10 11.45 -7.83
C THR A 14 20.09 12.85 -7.18
N GLU A 15 18.98 13.32 -6.60
CA GLU A 15 18.84 14.60 -5.88
C GLU A 15 18.74 14.16 -4.45
N ARG A 16 18.92 14.91 -3.38
CA ARG A 16 18.58 14.24 -2.13
C ARG A 16 17.15 14.52 -1.74
N ALA A 17 16.73 13.67 -0.79
CA ALA A 17 15.38 13.63 -0.28
C ALA A 17 15.43 12.99 1.10
N VAL A 18 14.32 13.22 1.79
CA VAL A 18 14.11 12.72 3.12
C VAL A 18 12.67 12.33 3.18
N LEU A 19 12.50 11.24 3.88
CA LEU A 19 11.14 10.85 4.17
C LEU A 19 11.01 10.82 5.66
N THR A 20 9.77 11.11 6.08
CA THR A 20 9.49 11.27 7.48
C THR A 20 8.21 10.54 7.85
N LEU A 21 8.48 9.65 8.78
CA LEU A 21 7.46 8.70 9.12
C LEU A 21 7.45 8.50 10.58
N ASN A 22 6.23 8.70 11.06
CA ASN A 22 5.93 8.44 12.46
C ASN A 22 7.03 9.00 13.34
N GLY A 23 7.33 10.24 13.00
CA GLY A 23 8.35 10.99 13.69
C GLY A 23 9.79 10.76 13.25
N LEU A 24 10.16 9.89 12.33
CA LEU A 24 11.57 9.78 12.01
C LEU A 24 11.81 10.05 10.56
N GLN A 25 13.07 10.36 10.32
CA GLN A 25 13.44 10.91 9.05
C GLN A 25 14.37 9.88 8.42
N ILE A 26 14.23 9.64 7.12
CA ILE A 26 15.18 8.82 6.40
C ILE A 26 15.66 9.70 5.30
N LYS A 27 16.94 9.56 5.05
CA LYS A 27 17.56 10.39 4.05
C LYS A 27 17.93 9.48 2.90
N LEU A 28 17.45 9.71 1.68
CA LEU A 28 17.62 8.74 0.60
C LEU A 28 17.99 9.50 -0.67
N HIS A 29 18.26 8.79 -1.76
CA HIS A 29 18.60 9.43 -3.04
C HIS A 29 17.53 9.25 -4.09
N LYS A 30 16.71 10.26 -4.30
CA LYS A 30 15.71 10.19 -5.34
C LYS A 30 16.41 10.23 -6.66
N VAL A 31 16.12 9.28 -7.50
CA VAL A 31 16.68 9.28 -8.85
C VAL A 31 15.77 10.24 -9.57
N VAL A 32 16.38 11.09 -10.37
CA VAL A 32 15.61 12.04 -11.14
C VAL A 32 16.11 11.88 -12.57
N GLY A 33 15.26 12.32 -13.48
CA GLY A 33 15.70 12.54 -14.85
C GLY A 33 15.54 11.30 -15.71
N GLU A 34 16.32 11.17 -16.78
CA GLU A 34 16.24 9.97 -17.58
C GLU A 34 16.52 8.73 -16.74
N SER A 35 17.38 8.81 -15.73
CA SER A 35 17.53 7.69 -14.83
C SER A 35 16.26 7.17 -14.16
N ARG A 36 15.43 8.03 -13.59
CA ARG A 36 14.12 7.64 -13.04
C ARG A 36 13.32 6.88 -14.10
N ASP A 37 13.26 7.43 -15.30
CA ASP A 37 12.46 6.88 -16.36
C ASP A 37 12.88 5.49 -16.76
N ASP A 38 14.18 5.22 -16.78
CA ASP A 38 14.62 3.93 -17.25
C ASP A 38 14.34 2.94 -16.17
N ILE A 39 14.74 3.30 -14.94
CA ILE A 39 14.52 2.39 -13.86
C ILE A 39 13.05 2.04 -13.84
N VAL A 40 12.14 3.00 -13.96
CA VAL A 40 10.75 2.66 -14.10
C VAL A 40 10.55 1.77 -15.32
N ALA A 41 11.11 2.11 -16.46
CA ALA A 41 10.80 1.40 -17.69
C ALA A 41 11.21 -0.06 -17.64
N LYS A 42 12.40 -0.22 -17.11
CA LYS A 42 12.93 -1.54 -16.83
C LYS A 42 11.85 -2.27 -16.04
N MET A 43 11.42 -1.80 -14.87
CA MET A 43 10.38 -2.46 -14.09
C MET A 43 9.07 -2.73 -14.82
N LYS A 44 8.78 -1.96 -15.86
CA LYS A 44 7.70 -2.36 -16.74
C LYS A 44 8.01 -3.73 -17.33
N ASP A 45 9.15 -3.77 -17.97
CA ASP A 45 9.48 -4.86 -18.86
C ASP A 45 9.71 -6.12 -18.07
N LEU A 46 10.39 -6.03 -16.93
CA LEU A 46 10.55 -7.20 -16.09
C LEU A 46 9.20 -7.61 -15.59
N ALA A 47 8.38 -6.80 -14.96
CA ALA A 47 7.19 -7.36 -14.35
C ALA A 47 6.18 -7.58 -15.44
N MET A 48 6.54 -7.41 -16.72
CA MET A 48 5.69 -7.76 -17.84
C MET A 48 4.29 -7.21 -17.70
N ASP A 49 4.24 -5.90 -17.54
CA ASP A 49 2.98 -5.25 -17.24
C ASP A 49 2.48 -4.49 -18.45
N ASP A 50 1.70 -4.98 -19.41
CA ASP A 50 1.35 -4.13 -20.54
C ASP A 50 0.18 -3.23 -20.22
N HIS A 51 0.35 -2.44 -19.18
CA HIS A 51 -0.65 -1.46 -18.79
C HIS A 51 -0.23 -0.11 -19.35
N LYS A 52 -1.10 0.46 -20.16
CA LYS A 52 -0.77 1.66 -20.86
C LYS A 52 -0.06 2.77 -20.06
N PHE A 53 -0.43 2.83 -18.79
CA PHE A 53 -0.05 3.95 -17.96
C PHE A 53 0.73 3.41 -16.79
N PRO A 54 1.66 4.12 -16.13
CA PRO A 54 2.58 3.63 -15.11
C PRO A 54 1.99 3.43 -13.71
N ARG A 55 2.40 2.33 -13.06
CA ARG A 55 1.82 1.78 -11.84
C ARG A 55 2.78 0.70 -11.34
N LEU A 56 2.96 0.63 -10.04
CA LEU A 56 3.70 -0.48 -9.50
C LEU A 56 2.97 -1.79 -9.83
N PRO A 57 3.72 -2.81 -10.20
CA PRO A 57 3.27 -4.19 -10.28
C PRO A 57 2.84 -4.75 -8.93
N GLY A 58 1.74 -4.23 -8.50
CA GLY A 58 1.31 -4.58 -7.19
C GLY A 58 -0.19 -4.53 -7.17
N PRO A 59 -0.74 -5.13 -6.13
CA PRO A 59 -2.15 -5.17 -5.97
C PRO A 59 -2.55 -4.06 -5.04
N ASN A 60 -3.73 -3.56 -5.32
CA ASN A 60 -4.34 -2.60 -4.44
C ASN A 60 -5.50 -3.27 -3.71
N PRO A 61 -5.52 -3.32 -2.34
CA PRO A 61 -6.56 -3.89 -1.50
C PRO A 61 -7.90 -3.24 -1.77
N VAL A 62 -9.03 -3.79 -1.35
CA VAL A 62 -10.27 -3.05 -1.40
C VAL A 62 -10.94 -3.29 -0.08
N SER A 63 -11.93 -2.53 0.30
CA SER A 63 -12.41 -2.57 1.66
C SER A 63 -13.35 -3.74 1.75
N ILE A 64 -13.17 -4.50 2.82
CA ILE A 64 -14.08 -5.61 2.98
C ILE A 64 -15.41 -5.04 3.36
N GLU A 65 -16.33 -5.80 2.87
CA GLU A 65 -17.72 -5.51 3.11
C GLU A 65 -18.30 -6.85 3.48
N ARG A 66 -19.47 -6.84 4.13
CA ARG A 66 -20.18 -8.06 4.43
C ARG A 66 -20.28 -9.08 3.33
N LYS A 67 -20.83 -8.75 2.16
CA LYS A 67 -20.92 -9.69 1.06
C LYS A 67 -19.71 -10.62 0.89
N ASP A 68 -18.52 -10.14 1.25
CA ASP A 68 -17.31 -10.89 1.00
C ASP A 68 -17.11 -12.17 1.76
N PHE A 69 -17.63 -12.19 2.98
CA PHE A 69 -17.43 -13.31 3.88
C PHE A 69 -17.68 -14.68 3.22
N GLU A 70 -18.73 -14.79 2.38
CA GLU A 70 -19.07 -15.99 1.62
C GLU A 70 -17.81 -16.44 0.92
N LYS A 71 -17.26 -15.54 0.14
CA LYS A 71 -16.10 -15.83 -0.66
C LYS A 71 -14.97 -16.08 0.30
N LEU A 72 -14.90 -15.44 1.45
CA LEU A 72 -13.83 -15.79 2.35
C LEU A 72 -14.02 -17.15 2.89
N LYS A 73 -15.26 -17.56 3.18
CA LYS A 73 -15.51 -18.88 3.79
C LYS A 73 -15.19 -20.08 2.90
N GLN A 74 -15.35 -19.88 1.61
CA GLN A 74 -15.08 -20.93 0.66
C GLN A 74 -13.59 -21.15 0.43
N ASN A 75 -12.91 -20.14 -0.11
CA ASN A 75 -11.57 -20.31 -0.72
C ASN A 75 -10.46 -20.00 0.26
N LYS A 76 -9.19 -20.15 -0.15
CA LYS A 76 -8.09 -20.11 0.82
C LYS A 76 -7.30 -18.79 0.92
N TYR A 77 -7.37 -18.13 2.10
CA TYR A 77 -6.80 -16.79 2.27
C TYR A 77 -5.84 -16.82 3.42
N VAL A 78 -4.85 -15.97 3.29
CA VAL A 78 -4.03 -15.68 4.43
C VAL A 78 -4.47 -14.35 4.96
N VAL A 79 -4.02 -13.95 6.16
CA VAL A 79 -4.28 -12.62 6.72
C VAL A 79 -3.06 -12.03 7.43
N SER A 80 -2.98 -10.69 7.37
CA SER A 80 -1.90 -9.91 7.98
C SER A 80 -2.29 -8.48 8.39
N GLU A 81 -1.45 -8.10 9.34
CA GLU A 81 -1.28 -6.74 9.81
C GLU A 81 -1.31 -5.78 8.63
N LYS A 82 -2.18 -4.77 8.54
CA LYS A 82 -1.99 -3.74 7.55
C LYS A 82 -0.98 -2.74 8.11
N THR A 83 0.29 -2.85 7.76
CA THR A 83 1.31 -2.01 8.37
C THR A 83 0.96 -0.62 7.95
N ASP A 84 1.10 0.28 8.90
CA ASP A 84 0.99 1.68 8.57
C ASP A 84 2.41 2.07 8.21
N GLY A 85 2.61 2.34 6.94
CA GLY A 85 3.91 2.70 6.40
C GLY A 85 3.77 3.29 5.02
N ILE A 86 4.84 3.28 4.24
CA ILE A 86 4.66 3.70 2.86
C ILE A 86 4.84 2.48 2.03
N ARG A 87 3.85 2.21 1.21
CA ARG A 87 4.05 1.22 0.19
C ARG A 87 5.15 1.65 -0.77
N PHE A 88 5.90 0.68 -1.29
CA PHE A 88 6.95 0.87 -2.27
C PHE A 88 7.31 -0.44 -2.96
N MET A 89 7.45 -0.51 -4.30
CA MET A 89 8.01 -1.69 -4.94
C MET A 89 9.53 -1.72 -4.88
N MET A 90 10.16 -2.77 -4.30
CA MET A 90 11.60 -2.85 -4.12
C MET A 90 12.05 -3.43 -5.41
N PHE A 91 13.03 -2.81 -6.03
CA PHE A 91 13.44 -3.25 -7.32
C PHE A 91 14.94 -3.27 -7.34
N PHE A 92 15.46 -4.44 -7.65
CA PHE A 92 16.87 -4.65 -7.72
C PHE A 92 17.16 -4.77 -9.17
N THR A 93 18.13 -4.04 -9.69
CA THR A 93 18.48 -4.19 -11.08
C THR A 93 19.92 -3.75 -11.22
N ARG A 94 20.45 -4.01 -12.40
CA ARG A 94 21.72 -3.40 -12.78
C ARG A 94 21.32 -2.33 -13.76
N VAL A 95 21.93 -1.14 -13.69
CA VAL A 95 21.64 -0.13 -14.68
C VAL A 95 22.98 0.41 -15.06
N PHE A 96 23.15 0.27 -16.38
CA PHE A 96 24.32 0.72 -17.09
C PHE A 96 25.61 0.23 -16.46
N GLY A 97 25.55 -0.88 -15.72
CA GLY A 97 26.70 -1.38 -14.97
C GLY A 97 26.58 -1.15 -13.46
N PHE A 98 25.71 -0.25 -13.01
CA PHE A 98 25.52 -0.08 -11.60
C PHE A 98 24.46 -1.01 -11.06
N LYS A 99 24.99 -1.76 -10.13
CA LYS A 99 24.14 -2.62 -9.37
C LYS A 99 23.31 -1.75 -8.40
N VAL A 100 22.01 -1.77 -8.63
CA VAL A 100 21.17 -0.78 -8.04
C VAL A 100 19.98 -1.42 -7.32
N CYS A 101 19.73 -0.91 -6.11
CA CYS A 101 18.51 -1.25 -5.38
C CYS A 101 17.51 -0.11 -5.28
N THR A 102 16.35 -0.13 -5.92
CA THR A 102 15.46 1.01 -5.91
C THR A 102 14.14 0.68 -5.26
N ILE A 103 13.53 1.58 -4.48
CA ILE A 103 12.20 1.36 -3.96
C ILE A 103 11.22 2.28 -4.65
N ILE A 104 10.06 1.83 -5.13
CA ILE A 104 9.22 2.75 -5.87
C ILE A 104 7.89 3.08 -5.28
N ASP A 105 7.69 4.35 -5.20
CA ASP A 105 6.51 4.98 -4.61
C ASP A 105 5.42 4.79 -5.66
N ARG A 106 4.17 4.95 -5.21
CA ARG A 106 2.97 4.83 -6.05
C ARG A 106 2.84 5.83 -7.20
N ALA A 107 3.67 6.85 -7.09
CA ALA A 107 3.72 7.96 -7.99
C ALA A 107 4.83 7.83 -8.97
N MET A 108 5.37 6.63 -8.97
CA MET A 108 6.51 6.31 -9.77
C MET A 108 7.67 7.19 -9.34
N THR A 109 7.79 7.43 -8.04
CA THR A 109 8.93 8.18 -7.54
C THR A 109 9.99 7.19 -7.16
N VAL A 110 11.27 7.39 -7.42
CA VAL A 110 12.25 6.31 -7.24
C VAL A 110 13.37 6.59 -6.23
N TYR A 111 13.61 5.81 -5.18
CA TYR A 111 14.71 6.15 -4.30
C TYR A 111 15.68 4.99 -4.24
N LEU A 112 16.96 5.32 -4.29
CA LEU A 112 18.02 4.41 -3.91
C LEU A 112 17.95 4.06 -2.45
N LEU A 113 17.80 2.77 -2.16
CA LEU A 113 17.78 2.27 -0.80
C LEU A 113 18.81 1.16 -0.81
N PRO A 114 20.05 1.45 -0.55
CA PRO A 114 21.11 0.50 -0.79
C PRO A 114 21.44 -0.26 0.46
N PHE A 115 22.00 -1.41 0.23
CA PHE A 115 22.36 -2.28 1.32
C PHE A 115 23.66 -2.89 0.85
N LYS A 116 24.53 -3.14 1.83
CA LYS A 116 25.85 -3.77 1.62
C LYS A 116 25.73 -5.14 0.93
N ASN A 117 25.11 -5.97 1.74
CA ASN A 117 25.13 -7.37 1.52
C ASN A 117 24.11 -7.84 0.48
N ILE A 118 23.81 -7.14 -0.62
CA ILE A 118 22.81 -7.70 -1.48
C ILE A 118 23.47 -8.64 -2.46
N PRO A 119 23.14 -9.91 -2.35
CA PRO A 119 23.72 -10.96 -3.19
C PRO A 119 23.52 -10.73 -4.69
N ARG A 120 24.65 -10.80 -5.42
CA ARG A 120 24.72 -10.40 -6.83
C ARG A 120 23.59 -10.84 -7.76
N VAL A 121 23.15 -12.06 -7.51
CA VAL A 121 22.03 -12.58 -8.22
C VAL A 121 20.80 -11.73 -8.09
N LEU A 122 20.49 -11.11 -6.96
CA LEU A 122 19.25 -10.35 -6.85
C LEU A 122 19.15 -9.31 -7.94
N PHE A 123 20.33 -8.73 -8.21
CA PHE A 123 20.47 -7.72 -9.23
C PHE A 123 20.20 -8.26 -10.61
N GLN A 124 20.01 -9.56 -10.76
CA GLN A 124 19.58 -10.08 -12.03
C GLN A 124 18.16 -9.59 -12.37
N GLY A 125 17.37 -9.23 -11.36
CA GLY A 125 16.04 -8.77 -11.68
C GLY A 125 15.04 -9.21 -10.63
N SER A 126 15.00 -8.46 -9.56
CA SER A 126 14.17 -8.87 -8.48
C SER A 126 13.22 -7.73 -8.18
N ILE A 127 11.96 -8.10 -8.04
CA ILE A 127 10.94 -7.16 -7.72
C ILE A 127 10.24 -7.86 -6.57
N PHE A 128 10.34 -7.33 -5.38
CA PHE A 128 9.57 -7.83 -4.26
C PHE A 128 8.67 -6.67 -3.85
N ASP A 129 7.55 -6.93 -3.15
CA ASP A 129 6.51 -5.92 -2.88
C ASP A 129 6.41 -5.91 -1.35
N GLY A 130 6.55 -4.72 -0.78
CA GLY A 130 6.65 -4.60 0.65
C GLY A 130 6.42 -3.17 1.10
N GLU A 131 6.61 -2.93 2.39
CA GLU A 131 6.25 -1.68 3.01
C GLU A 131 7.41 -0.99 3.72
N LEU A 132 7.58 0.33 3.57
CA LEU A 132 8.57 1.06 4.34
C LEU A 132 7.82 1.42 5.60
N CYS A 133 8.44 1.35 6.77
CA CYS A 133 7.78 1.81 7.98
C CYS A 133 8.78 1.99 9.11
N VAL A 134 8.32 2.27 10.34
CA VAL A 134 9.27 2.65 11.40
C VAL A 134 9.17 1.62 12.53
N ASP A 135 10.26 1.00 13.03
CA ASP A 135 10.17 -0.03 14.08
C ASP A 135 10.24 0.68 15.40
N ILE A 136 9.03 0.67 15.96
CA ILE A 136 8.73 1.26 17.25
C ILE A 136 9.80 0.97 18.26
N VAL A 137 10.18 -0.30 18.32
CA VAL A 137 11.21 -0.73 19.24
C VAL A 137 12.55 -0.09 18.88
N GLU A 138 13.21 -0.43 17.77
CA GLU A 138 14.55 0.11 17.62
C GLU A 138 14.60 1.61 17.50
N LYS A 139 13.41 2.12 17.18
CA LYS A 139 13.20 3.43 16.66
C LYS A 139 13.96 3.45 15.34
N LYS A 140 13.96 2.32 14.61
CA LYS A 140 14.72 2.26 13.38
C LYS A 140 13.79 1.91 12.25
N PHE A 141 14.23 2.15 11.00
CA PHE A 141 13.39 1.88 9.86
C PHE A 141 13.54 0.45 9.39
N ALA A 142 12.44 0.04 8.79
CA ALA A 142 12.32 -1.32 8.32
C ALA A 142 11.51 -1.27 7.03
N PHE A 143 11.79 -2.34 6.33
CA PHE A 143 11.07 -2.64 5.14
C PHE A 143 10.59 -4.07 5.37
N VAL A 144 9.28 -4.14 5.44
CA VAL A 144 8.59 -5.40 5.64
C VAL A 144 8.23 -5.96 4.28
N LEU A 145 8.67 -7.15 3.91
CA LEU A 145 8.36 -7.74 2.62
C LEU A 145 7.04 -8.51 2.57
N PHE A 146 6.12 -8.11 1.68
CA PHE A 146 4.84 -8.78 1.74
C PHE A 146 5.00 -9.99 0.88
N ASP A 147 5.42 -9.74 -0.34
CA ASP A 147 5.16 -10.65 -1.43
C ASP A 147 6.28 -10.36 -2.42
N ALA A 148 6.27 -10.92 -3.63
CA ALA A 148 7.44 -10.84 -4.51
C ALA A 148 7.02 -11.13 -5.97
N VAL A 149 7.56 -10.55 -7.05
CA VAL A 149 7.02 -10.74 -8.40
C VAL A 149 8.03 -11.35 -9.34
N VAL A 150 9.28 -10.92 -9.22
CA VAL A 150 10.32 -11.60 -9.97
C VAL A 150 11.47 -11.78 -9.01
N VAL A 151 12.08 -12.98 -8.97
CA VAL A 151 13.30 -13.18 -8.18
C VAL A 151 14.41 -13.51 -9.14
N SER A 152 15.44 -12.67 -9.12
CA SER A 152 16.65 -12.85 -9.87
C SER A 152 16.43 -13.21 -11.32
N GLY A 153 15.49 -12.60 -12.03
CA GLY A 153 15.18 -13.02 -13.41
C GLY A 153 14.04 -14.03 -13.49
N VAL A 154 13.85 -14.78 -12.40
CA VAL A 154 12.84 -15.79 -12.35
C VAL A 154 11.51 -15.10 -12.09
N THR A 155 10.74 -15.10 -13.15
CA THR A 155 9.45 -14.48 -13.06
C THR A 155 8.52 -15.38 -12.28
N VAL A 156 8.25 -14.97 -11.07
CA VAL A 156 7.53 -15.84 -10.19
C VAL A 156 6.05 -15.43 -10.11
N SER A 157 5.57 -14.39 -10.80
CA SER A 157 4.25 -13.81 -10.58
C SER A 157 3.14 -14.79 -10.45
N GLN A 158 3.21 -15.81 -11.30
CA GLN A 158 2.14 -16.78 -11.48
C GLN A 158 2.10 -17.98 -10.58
N MET A 159 3.15 -18.20 -9.78
CA MET A 159 3.16 -19.22 -8.73
C MET A 159 2.04 -19.12 -7.70
N ASP A 160 2.22 -19.69 -6.51
CA ASP A 160 1.29 -19.34 -5.46
C ASP A 160 2.12 -18.51 -4.50
N LEU A 161 1.39 -17.87 -3.61
CA LEU A 161 1.98 -16.93 -2.70
C LEU A 161 3.24 -17.44 -2.05
N ALA A 162 3.10 -18.61 -1.45
CA ALA A 162 4.18 -19.12 -0.63
C ALA A 162 5.39 -19.42 -1.48
N SER A 163 5.10 -19.81 -2.71
CA SER A 163 6.14 -20.14 -3.65
C SER A 163 7.02 -18.91 -3.76
N ARG A 164 6.23 -17.85 -3.99
CA ARG A 164 6.76 -16.54 -4.13
C ARG A 164 7.52 -16.18 -2.84
N PHE A 165 6.85 -16.21 -1.69
CA PHE A 165 7.47 -15.89 -0.42
C PHE A 165 8.78 -16.69 -0.22
N PHE A 166 8.85 -18.02 -0.32
CA PHE A 166 10.12 -18.71 -0.12
C PHE A 166 11.12 -18.30 -1.16
N ALA A 167 10.61 -18.15 -2.41
CA ALA A 167 11.42 -17.67 -3.53
C ALA A 167 12.24 -16.48 -3.07
N MET A 168 11.50 -15.62 -2.37
CA MET A 168 12.10 -14.47 -1.77
C MET A 168 12.98 -14.85 -0.61
N LYS A 169 12.44 -15.60 0.32
CA LYS A 169 13.16 -15.95 1.53
C LYS A 169 14.55 -16.48 1.29
N ARG A 170 14.71 -17.45 0.38
CA ARG A 170 16.01 -18.03 0.24
C ARG A 170 16.93 -17.15 -0.58
N SER A 171 16.43 -16.32 -1.51
CA SER A 171 17.31 -15.39 -2.22
C SER A 171 18.05 -14.50 -1.22
N LEU A 172 17.33 -13.96 -0.24
CA LEU A 172 17.98 -13.16 0.81
C LEU A 172 18.52 -14.00 2.00
N LYS A 173 18.59 -15.34 1.89
CA LYS A 173 18.94 -16.21 3.02
C LYS A 173 20.29 -15.82 3.55
N GLU A 174 21.32 -15.65 2.72
CA GLU A 174 22.64 -15.49 3.30
C GLU A 174 22.91 -14.04 3.71
N PHE A 175 21.94 -13.18 3.38
CA PHE A 175 22.09 -11.75 3.47
C PHE A 175 22.11 -11.34 4.92
N LYS A 176 23.02 -10.48 5.37
CA LYS A 176 22.80 -10.00 6.71
C LYS A 176 22.85 -8.51 6.73
N ASN A 177 21.92 -8.01 7.54
CA ASN A 177 21.83 -6.63 7.98
C ASN A 177 23.02 -6.05 8.80
N VAL A 178 23.46 -4.82 8.51
CA VAL A 178 24.58 -4.20 9.22
C VAL A 178 24.09 -2.87 9.73
N PRO A 179 24.45 -2.39 10.93
CA PRO A 179 23.89 -1.19 11.55
C PRO A 179 23.67 0.00 10.60
N GLU A 180 24.62 0.09 9.69
CA GLU A 180 24.70 1.21 8.78
C GLU A 180 23.60 1.21 7.75
N ASP A 181 23.10 -0.01 7.51
CA ASP A 181 22.08 -0.22 6.53
C ASP A 181 20.82 0.61 6.79
N PRO A 182 20.14 1.07 5.73
CA PRO A 182 19.12 2.10 5.80
C PRO A 182 17.80 1.64 6.41
N ALA A 183 17.52 0.36 6.30
CA ALA A 183 16.21 -0.18 6.56
C ALA A 183 16.49 -1.64 6.86
N ILE A 184 16.00 -2.10 8.00
CA ILE A 184 16.07 -3.52 8.32
C ILE A 184 15.13 -4.25 7.37
N LEU A 185 15.53 -5.21 6.53
CA LEU A 185 14.53 -6.03 5.86
C LEU A 185 13.88 -7.00 6.83
N ARG A 186 12.56 -7.18 6.64
CA ARG A 186 11.79 -8.14 7.40
C ARG A 186 10.76 -8.71 6.46
N TYR A 187 10.04 -9.77 6.87
CA TYR A 187 9.05 -10.42 5.99
C TYR A 187 7.67 -10.38 6.63
N LYS A 188 6.62 -10.30 5.83
CA LYS A 188 5.32 -10.27 6.43
C LYS A 188 4.96 -11.72 6.76
N GLU A 189 4.69 -11.99 8.02
CA GLU A 189 4.21 -13.31 8.42
C GLU A 189 2.73 -13.52 8.07
N TRP A 190 2.44 -14.18 6.97
CA TRP A 190 1.08 -14.23 6.51
C TRP A 190 0.22 -15.36 7.13
N ILE A 191 -0.72 -15.18 8.07
CA ILE A 191 -1.38 -16.32 8.76
C ILE A 191 -2.54 -16.88 7.95
N PRO A 192 -2.97 -18.16 7.98
CA PRO A 192 -4.16 -18.65 7.28
C PRO A 192 -5.41 -18.42 8.08
N LEU A 193 -6.42 -18.01 7.32
CA LEU A 193 -7.62 -17.35 7.88
C LEU A 193 -8.25 -18.14 8.99
N GLU A 194 -8.27 -19.42 8.70
CA GLU A 194 -8.80 -20.33 9.65
C GLU A 194 -7.85 -20.46 10.84
N HIS A 195 -7.03 -19.49 11.22
CA HIS A 195 -6.29 -19.69 12.41
C HIS A 195 -6.54 -18.52 13.31
N PRO A 196 -7.79 -18.08 13.54
CA PRO A 196 -8.15 -16.95 14.39
C PRO A 196 -7.29 -16.72 15.60
N THR A 197 -7.08 -17.68 16.51
CA THR A 197 -6.35 -17.37 17.73
C THR A 197 -4.93 -16.95 17.45
N ILE A 198 -4.48 -17.52 16.34
CA ILE A 198 -3.14 -17.27 15.90
C ILE A 198 -2.98 -15.83 15.45
N ILE A 199 -3.98 -15.48 14.63
CA ILE A 199 -4.06 -14.19 14.01
C ILE A 199 -4.07 -13.17 15.15
N LYS A 200 -5.02 -13.26 16.08
CA LYS A 200 -5.12 -12.28 17.12
C LYS A 200 -3.82 -11.98 17.79
N ASP A 201 -3.20 -13.08 18.18
CA ASP A 201 -1.93 -12.99 18.85
C ASP A 201 -0.97 -12.41 17.83
N HIS A 202 -0.92 -12.91 16.60
CA HIS A 202 0.01 -12.36 15.63
C HIS A 202 -0.10 -10.84 15.56
N LEU A 203 -1.36 -10.39 15.47
CA LEU A 203 -1.61 -8.98 15.51
C LEU A 203 -1.02 -8.36 16.74
N LYS A 204 -1.45 -8.81 17.91
CA LYS A 204 -0.95 -8.23 19.12
C LYS A 204 0.54 -8.36 19.23
N LYS A 205 1.16 -9.32 18.54
CA LYS A 205 2.59 -9.24 18.45
C LYS A 205 3.00 -8.14 17.53
N ALA A 206 2.49 -8.12 16.32
CA ALA A 206 2.98 -7.17 15.34
C ALA A 206 2.79 -5.72 15.78
N ASN A 207 1.68 -5.45 16.46
CA ASN A 207 1.37 -4.07 16.86
C ASN A 207 2.33 -3.42 17.80
N ALA A 208 3.01 -4.31 18.53
CA ALA A 208 4.03 -3.97 19.49
C ALA A 208 5.33 -3.46 18.85
N ILE A 209 5.45 -3.72 17.55
CA ILE A 209 6.68 -3.43 16.87
C ILE A 209 6.43 -2.40 15.80
N TYR A 210 5.28 -2.43 15.11
CA TYR A 210 4.99 -1.56 13.99
C TYR A 210 3.64 -0.87 14.08
N HIS A 211 3.49 0.22 13.31
CA HIS A 211 2.18 0.86 13.33
C HIS A 211 1.35 0.10 12.36
N THR A 212 0.11 -0.12 12.78
CA THR A 212 -0.76 -0.95 12.00
C THR A 212 -2.02 -0.17 11.66
N ASP A 213 -2.91 -0.66 10.76
CA ASP A 213 -4.24 -0.09 10.49
C ASP A 213 -5.27 -1.19 10.19
N GLY A 214 -5.15 -2.25 10.97
CA GLY A 214 -6.06 -3.37 10.84
C GLY A 214 -5.46 -4.49 10.01
N LEU A 215 -6.32 -5.23 9.32
CA LEU A 215 -5.89 -6.46 8.69
C LEU A 215 -5.93 -6.23 7.21
N ILE A 216 -5.04 -6.99 6.57
CA ILE A 216 -5.07 -7.22 5.12
C ILE A 216 -5.33 -8.70 4.91
N ILE A 217 -6.19 -9.10 3.96
CA ILE A 217 -6.66 -10.46 3.75
C ILE A 217 -6.44 -10.84 2.28
N MET A 218 -5.46 -11.71 2.04
CA MET A 218 -4.97 -11.97 0.67
C MET A 218 -5.17 -13.46 0.35
N SER A 219 -5.51 -13.76 -0.91
CA SER A 219 -5.58 -15.14 -1.38
C SER A 219 -4.34 -15.94 -1.14
N VAL A 220 -4.48 -17.22 -0.80
CA VAL A 220 -3.29 -18.04 -0.75
C VAL A 220 -2.81 -18.51 -2.09
N ASP A 221 -3.65 -18.43 -3.10
CA ASP A 221 -3.48 -19.18 -4.31
C ASP A 221 -3.47 -18.44 -5.65
N GLU A 222 -4.05 -17.24 -5.75
CA GLU A 222 -4.12 -16.48 -7.01
C GLU A 222 -2.73 -15.99 -7.35
N PRO A 223 -2.35 -15.87 -8.63
CA PRO A 223 -1.08 -15.28 -9.06
C PRO A 223 -1.09 -13.78 -8.82
N VAL A 224 0.04 -13.09 -8.84
CA VAL A 224 0.04 -11.65 -8.63
C VAL A 224 -0.87 -10.87 -9.57
N ILE A 225 -1.58 -9.91 -8.93
CA ILE A 225 -2.58 -9.04 -9.57
C ILE A 225 -2.05 -7.62 -9.70
N TYR A 226 -2.04 -7.03 -10.90
CA TYR A 226 -1.51 -5.67 -11.08
C TYR A 226 -2.74 -4.79 -11.13
N GLY A 227 -2.88 -4.08 -10.01
CA GLY A 227 -3.96 -3.14 -9.95
C GLY A 227 -4.88 -3.32 -8.77
N ARG A 228 -6.10 -2.83 -8.99
CA ARG A 228 -7.16 -2.91 -8.03
C ARG A 228 -7.43 -4.40 -8.05
N ASN A 229 -7.22 -4.90 -6.84
CA ASN A 229 -7.38 -6.29 -6.65
C ASN A 229 -8.61 -6.44 -5.79
N PHE A 230 -9.72 -6.64 -6.46
CA PHE A 230 -10.96 -6.82 -5.73
C PHE A 230 -11.00 -7.96 -4.73
N ASN A 231 -9.95 -8.78 -4.78
CA ASN A 231 -9.84 -9.94 -3.92
C ASN A 231 -8.64 -9.79 -2.99
N LEU A 232 -8.29 -8.53 -2.77
CA LEU A 232 -7.37 -8.24 -1.71
C LEU A 232 -8.18 -7.36 -0.77
N PHE A 233 -8.30 -7.82 0.45
CA PHE A 233 -9.18 -7.10 1.30
C PHE A 233 -8.39 -6.20 2.22
N LYS A 234 -9.03 -5.11 2.67
CA LYS A 234 -8.55 -4.32 3.80
C LYS A 234 -9.65 -4.15 4.84
N LEU A 235 -9.22 -4.09 6.09
CA LEU A 235 -10.13 -3.93 7.20
C LEU A 235 -9.37 -3.11 8.20
N LYS A 236 -10.09 -2.05 8.33
CA LYS A 236 -9.47 -0.86 8.71
C LYS A 236 -10.50 -0.31 9.65
N PRO A 237 -10.00 -0.11 10.85
CA PRO A 237 -10.73 0.47 11.95
C PRO A 237 -11.31 1.79 11.47
N GLY A 238 -12.63 1.81 11.62
CA GLY A 238 -13.47 2.65 10.79
C GLY A 238 -13.78 3.98 11.43
N THR A 239 -12.74 4.73 11.74
CA THR A 239 -12.82 6.17 11.90
C THR A 239 -11.85 6.77 10.87
N HIS A 240 -11.34 5.94 9.98
CA HIS A 240 -10.25 6.35 9.16
C HIS A 240 -10.85 6.14 7.77
N HIS A 241 -12.06 6.65 7.55
CA HIS A 241 -12.77 6.53 6.28
C HIS A 241 -13.14 7.92 5.93
N THR A 242 -12.56 8.35 4.83
CA THR A 242 -12.64 9.74 4.52
C THR A 242 -13.04 9.92 3.06
N ILE A 243 -13.52 11.12 2.70
CA ILE A 243 -13.81 11.48 1.32
C ILE A 243 -13.34 12.92 1.11
N ASP A 244 -13.09 13.22 -0.13
CA ASP A 244 -12.69 14.54 -0.52
C ASP A 244 -13.86 14.99 -1.30
N PHE A 245 -14.50 15.97 -0.69
CA PHE A 245 -15.65 16.56 -1.36
C PHE A 245 -15.23 17.81 -2.06
N ILE A 246 -16.14 18.35 -2.86
CA ILE A 246 -15.91 19.71 -3.27
C ILE A 246 -16.94 20.59 -2.60
N ILE A 247 -16.36 21.74 -2.28
CA ILE A 247 -17.12 22.82 -1.72
C ILE A 247 -17.91 23.31 -2.87
N MET A 248 -19.18 23.05 -2.78
CA MET A 248 -20.02 23.62 -3.79
C MET A 248 -20.60 24.95 -3.30
N SER A 249 -20.47 25.49 -2.09
CA SER A 249 -21.20 26.71 -1.72
C SER A 249 -20.47 27.38 -0.61
N GLU A 250 -20.39 28.71 -0.57
CA GLU A 250 -19.69 29.42 0.50
C GLU A 250 -20.01 28.96 1.90
N ASP A 251 -21.31 28.62 2.00
CA ASP A 251 -21.94 28.02 3.16
C ASP A 251 -21.60 26.56 3.42
N GLY A 252 -20.74 25.92 2.62
CA GLY A 252 -20.24 24.59 2.94
C GLY A 252 -21.07 23.43 2.41
N THR A 253 -21.91 23.60 1.39
CA THR A 253 -22.51 22.48 0.70
C THR A 253 -21.40 21.75 -0.05
N ILE A 254 -21.37 20.44 0.18
CA ILE A 254 -20.33 19.66 -0.42
C ILE A 254 -20.94 18.69 -1.38
N GLY A 255 -20.08 18.52 -2.35
CA GLY A 255 -20.49 17.68 -3.41
C GLY A 255 -19.37 16.75 -3.76
N ILE A 256 -19.84 15.85 -4.63
CA ILE A 256 -19.17 14.66 -5.17
C ILE A 256 -19.47 14.58 -6.65
N PHE A 257 -18.63 13.90 -7.42
CA PHE A 257 -18.82 13.86 -8.85
C PHE A 257 -19.59 12.63 -9.32
N ASP A 258 -20.45 12.86 -10.29
CA ASP A 258 -21.29 11.80 -10.73
C ASP A 258 -21.04 11.71 -12.20
N PRO A 259 -20.41 10.65 -12.65
CA PRO A 259 -20.01 10.53 -14.04
C PRO A 259 -21.15 10.47 -14.99
N ASN A 260 -22.17 9.65 -14.87
CA ASN A 260 -23.19 9.61 -15.95
C ASN A 260 -23.90 10.94 -16.06
N LEU A 261 -23.90 11.71 -14.98
CA LEU A 261 -24.55 13.00 -15.06
C LEU A 261 -23.51 14.05 -15.34
N ARG A 262 -22.28 13.67 -15.03
CA ARG A 262 -21.07 14.36 -15.40
C ARG A 262 -20.90 15.59 -14.51
N LYS A 263 -21.69 15.73 -13.48
CA LYS A 263 -21.59 16.93 -12.72
C LYS A 263 -21.06 16.53 -11.39
N ASN A 264 -20.88 17.60 -10.64
CA ASN A 264 -20.78 17.48 -9.23
C ASN A 264 -22.16 17.72 -8.65
N VAL A 265 -22.45 16.85 -7.72
CA VAL A 265 -23.75 16.78 -7.12
C VAL A 265 -23.53 17.10 -5.64
N PRO A 266 -24.38 17.93 -5.07
CA PRO A 266 -24.42 18.22 -3.66
C PRO A 266 -24.70 16.95 -2.92
N VAL A 267 -24.00 16.71 -1.83
CA VAL A 267 -24.31 15.54 -1.04
C VAL A 267 -24.23 15.75 0.48
N GLY A 268 -23.87 16.93 0.97
CA GLY A 268 -23.80 17.17 2.40
C GLY A 268 -23.54 18.65 2.58
N LYS A 269 -23.58 19.11 3.83
CA LYS A 269 -23.37 20.49 4.12
C LYS A 269 -22.43 20.42 5.28
N LEU A 270 -21.29 21.07 5.14
CA LEU A 270 -20.36 21.24 6.26
C LEU A 270 -20.83 22.45 7.02
N ASP A 271 -20.20 22.75 8.14
CA ASP A 271 -20.64 23.92 8.83
C ASP A 271 -19.75 25.13 8.70
N GLY A 272 -20.35 26.25 8.29
CA GLY A 272 -19.68 27.52 8.32
C GLY A 272 -19.35 28.07 6.94
N TYR A 273 -18.08 28.50 6.75
CA TYR A 273 -17.74 29.32 5.62
C TYR A 273 -16.46 28.84 5.02
N TYR A 274 -16.66 28.44 3.77
CA TYR A 274 -15.63 27.73 3.05
C TYR A 274 -15.48 28.19 1.58
N ASN A 275 -14.26 28.01 1.03
CA ASN A 275 -14.00 28.45 -0.34
C ASN A 275 -14.60 27.55 -1.41
N LYS A 276 -15.51 28.11 -2.19
CA LYS A 276 -16.16 27.43 -3.29
C LYS A 276 -15.12 26.86 -4.22
N GLY A 277 -15.46 25.67 -4.68
CA GLY A 277 -14.55 24.97 -5.54
C GLY A 277 -13.35 24.52 -4.74
N SER A 278 -13.26 24.56 -3.40
CA SER A 278 -12.17 23.84 -2.76
C SER A 278 -12.51 22.37 -2.68
N ILE A 279 -11.41 21.60 -2.64
CA ILE A 279 -11.44 20.16 -2.39
C ILE A 279 -11.15 20.02 -0.90
N VAL A 280 -12.08 19.53 -0.06
CA VAL A 280 -11.76 19.33 1.35
C VAL A 280 -11.82 17.88 1.87
N GLU A 281 -10.82 17.47 2.64
CA GLU A 281 -10.80 16.11 3.11
C GLU A 281 -11.72 16.16 4.30
N CYS A 282 -12.64 15.22 4.34
CA CYS A 282 -13.59 15.19 5.44
C CYS A 282 -13.79 13.82 6.08
N GLY A 283 -14.08 13.84 7.39
CA GLY A 283 -14.41 12.66 8.18
C GLY A 283 -15.91 12.51 8.35
N PHE A 284 -16.41 11.35 8.74
CA PHE A 284 -17.81 11.26 9.08
C PHE A 284 -17.90 10.82 10.50
N ALA A 285 -18.91 11.39 11.11
CA ALA A 285 -19.28 11.04 12.46
C ALA A 285 -20.68 11.62 12.70
N ASP A 286 -21.44 10.93 13.56
CA ASP A 286 -22.74 11.36 14.09
C ASP A 286 -23.72 11.91 13.04
N GLY A 287 -24.08 11.10 12.05
CA GLY A 287 -24.86 11.62 10.94
C GLY A 287 -24.04 12.56 10.03
N THR A 288 -22.88 13.15 10.38
CA THR A 288 -22.29 14.17 9.54
C THR A 288 -20.84 14.02 9.19
N TRP A 289 -20.60 14.57 8.02
CA TRP A 289 -19.26 14.79 7.58
C TRP A 289 -18.72 15.98 8.33
N LYS A 290 -17.43 15.95 8.60
CA LYS A 290 -16.72 17.05 9.23
C LYS A 290 -15.42 17.34 8.50
N TYR A 291 -15.09 18.61 8.42
CA TYR A 291 -13.87 19.06 7.79
C TYR A 291 -12.61 18.42 8.41
N ILE A 292 -11.62 17.93 7.69
CA ILE A 292 -10.39 17.62 8.36
C ILE A 292 -9.34 18.57 7.88
N GLN A 293 -9.12 18.61 6.57
CA GLN A 293 -8.07 19.45 6.05
C GLN A 293 -8.39 19.71 4.61
N GLY A 294 -7.69 20.71 4.15
CA GLY A 294 -7.91 21.08 2.79
C GLY A 294 -6.95 20.21 2.00
N ARG A 295 -7.24 20.15 0.70
CA ARG A 295 -6.45 19.38 -0.23
C ARG A 295 -6.21 20.26 -1.42
N SER A 296 -5.32 21.22 -1.30
CA SER A 296 -4.96 22.03 -2.46
C SER A 296 -4.49 21.16 -3.65
N ASP A 297 -3.86 20.09 -3.19
CA ASP A 297 -3.29 19.10 -4.05
C ASP A 297 -4.35 18.28 -4.77
N LYS A 298 -5.66 18.53 -4.72
CA LYS A 298 -6.50 17.72 -5.56
C LYS A 298 -7.10 18.66 -6.57
N ASN A 299 -7.98 18.14 -7.42
CA ASN A 299 -8.82 19.01 -8.22
C ASN A 299 -10.16 18.33 -8.45
N GLN A 300 -10.22 17.20 -7.77
CA GLN A 300 -11.19 16.20 -8.05
C GLN A 300 -11.51 15.68 -6.68
N ALA A 301 -12.81 15.82 -6.53
CA ALA A 301 -13.51 15.11 -5.51
C ALA A 301 -13.49 13.65 -5.90
N ASN A 302 -13.98 12.87 -4.97
CA ASN A 302 -14.17 11.48 -5.32
C ASN A 302 -15.47 11.35 -6.08
N ASP A 303 -15.58 10.27 -6.84
CA ASP A 303 -16.81 10.03 -7.58
C ASP A 303 -17.88 9.43 -6.71
N ARG A 304 -19.09 9.50 -7.24
CA ARG A 304 -20.23 8.95 -6.55
C ARG A 304 -19.97 7.61 -5.88
N LEU A 305 -19.57 6.59 -6.66
CA LEU A 305 -19.27 5.24 -6.16
C LEU A 305 -18.52 5.16 -4.84
N THR A 306 -17.36 5.78 -4.87
CA THR A 306 -16.54 5.89 -3.68
C THR A 306 -17.35 6.42 -2.52
N TYR A 307 -18.07 7.53 -2.70
CA TYR A 307 -18.84 8.11 -1.62
C TYR A 307 -19.74 6.96 -1.19
N GLU A 308 -20.43 6.26 -2.11
CA GLU A 308 -21.42 5.28 -1.74
C GLU A 308 -20.75 4.23 -0.90
N LYS A 309 -19.68 3.71 -1.48
CA LYS A 309 -18.99 2.62 -0.86
C LYS A 309 -18.55 2.98 0.55
N THR A 310 -17.94 4.14 0.71
CA THR A 310 -17.41 4.56 2.02
C THR A 310 -18.52 4.73 2.99
N LEU A 311 -19.70 5.06 2.51
CA LEU A 311 -20.79 5.19 3.43
C LEU A 311 -21.12 3.79 3.87
N LEU A 312 -21.30 2.94 2.86
CA LEU A 312 -21.65 1.55 3.08
C LEU A 312 -20.71 0.97 4.11
N ASN A 313 -19.46 1.26 3.85
CA ASN A 313 -18.48 0.86 4.78
C ASN A 313 -18.64 1.50 6.11
N ILE A 314 -18.93 2.77 6.26
CA ILE A 314 -19.02 3.37 7.58
C ILE A 314 -20.26 2.92 8.34
N GLU A 315 -21.25 2.53 7.58
CA GLU A 315 -22.40 1.86 8.15
C GLU A 315 -22.10 0.53 8.81
N GLU A 316 -21.50 -0.40 8.06
CA GLU A 316 -21.37 -1.77 8.54
C GLU A 316 -20.53 -1.95 9.80
N ASN A 317 -19.55 -1.07 10.00
CA ASN A 317 -18.63 -1.11 11.12
C ASN A 317 -18.16 -2.51 11.41
N ILE A 318 -17.70 -3.17 10.32
CA ILE A 318 -17.22 -4.53 10.42
C ILE A 318 -16.00 -4.54 11.33
N THR A 319 -15.92 -5.51 12.22
CA THR A 319 -14.84 -5.53 13.16
C THR A 319 -13.91 -6.69 12.93
N ILE A 320 -12.68 -6.47 13.40
CA ILE A 320 -11.66 -7.51 13.33
C ILE A 320 -12.15 -8.83 13.91
N ASP A 321 -12.84 -8.75 15.05
CA ASP A 321 -13.39 -9.92 15.62
C ASP A 321 -14.43 -10.37 14.67
N GLU A 322 -15.42 -9.62 14.22
CA GLU A 322 -16.41 -10.16 13.30
C GLU A 322 -15.76 -10.99 12.20
N LEU A 323 -14.55 -10.58 11.78
CA LEU A 323 -13.80 -11.34 10.82
C LEU A 323 -13.33 -12.57 11.58
N LEU A 324 -12.45 -12.41 12.54
CA LEU A 324 -11.87 -13.55 13.23
C LEU A 324 -12.75 -14.13 14.32
N ASP A 325 -13.83 -14.72 13.84
CA ASP A 325 -14.76 -15.44 14.68
C ASP A 325 -15.60 -16.32 13.76
N LEU A 326 -15.88 -15.84 12.55
CA LEU A 326 -16.63 -16.59 11.57
C LEU A 326 -15.98 -17.93 11.27
N PHE A 327 -14.67 -17.83 11.10
CA PHE A 327 -13.83 -18.96 10.74
C PHE A 327 -13.24 -19.54 12.04
#